data_8AY9
#
_entry.id   8AY9
#
_cell.length_a   42.763
_cell.length_b   62.923
_cell.length_c   187.010
_cell.angle_alpha   90.000
_cell.angle_beta   90.000
_cell.angle_gamma   90.000
#
_symmetry.space_group_name_H-M   'P 21 21 21'
#
loop_
_entity.id
_entity.type
_entity.pdbx_description
1 polymer 'Abscisic acid receptor PYL1'
2 polymer 'Protein phosphatase 2C 16'
3 non-polymer '(2Z,4E)-5-[(1S)-1-hydroxy-2,6,6-trimethyl-4-oxocyclohex-2-en-1-yl]-3-methylpenta-2,4-dienoic acid'
4 non-polymer 'MANGANESE (II) ION'
5 non-polymer 'CHLORIDE ION'
6 non-polymer GLYCEROL
7 water water
#
loop_
_entity_poly.entity_id
_entity_poly.type
_entity_poly.pdbx_seq_one_letter_code
_entity_poly.pdbx_strand_id
1 'polypeptide(L)'
;MNNNKAEADTSSSMADPETRPTYTTHHLAIPSGVTQDEFDELKQSVVEFHTYQLSQNQCSSLLAQRIRAPNDVVWSIVRR
FDQPQTYKHFIKSCSVSDNFTMAVGSTRDVNLISGLPAATSTERLDILDDDRQVLGISIIGGEHRLRNYRSVISVHGFNR
DGAICTVALESYVVDVPEGNTEEDTRLFADTVVKLNLQKLVSVAESQVI
;
A
2 'polypeptide(L)'
;RSVYELDCIPLWGVVSIQGNRSEMEDAFAVSPHFLKLPIKMLMGDHEGMSPSLTHLTGHFFGVYDGHGGHKVADYCRDRL
HFALAEEIERIKDELCKRNTGAGRQVQWDKVFTSCFLTVDGEIEGKIGRAVVGSSDKVLEAVASETVGSTAVVALVCSSH
IVVSNCGDSRAVLFRGKEAMPLSVDHKPDREDEYARIENAGGKVIQWQGARVFGVLAMSRSIGDRYLKPYVIPEPEVTFM
PRSREDECLILASDGLWDVMNNQEVCEIARRRILMWHKKNGAPPLAERGKGIDPACQAAADYLSMLALQKGSKDNISIIV
IDLKAQRKFKTRT
;
B
#
loop_
_chem_comp.id
_chem_comp.type
_chem_comp.name
_chem_comp.formula
A8S non-polymer '(2Z,4E)-5-[(1S)-1-hydroxy-2,6,6-trimethyl-4-oxocyclohex-2-en-1-yl]-3-methylpenta-2,4-dienoic acid' 'C15 H20 O4'
CL non-polymer 'CHLORIDE ION' 'Cl -1'
GOL non-polymer GLYCEROL 'C3 H8 O3'
MN non-polymer 'MANGANESE (II) ION' 'Mn 2'
#
# COMPACT_ATOMS: atom_id res chain seq x y z
N PRO A 21 -12.53 -41.92 -4.83
CA PRO A 21 -12.31 -40.68 -5.59
C PRO A 21 -13.41 -39.63 -5.32
N THR A 22 -13.10 -38.60 -4.54
CA THR A 22 -14.08 -37.59 -4.16
C THR A 22 -14.17 -36.49 -5.19
N TYR A 23 -15.29 -35.76 -5.18
CA TYR A 23 -15.56 -34.74 -6.18
C TYR A 23 -16.24 -33.53 -5.54
N THR A 24 -15.87 -32.34 -6.03
CA THR A 24 -16.50 -31.10 -5.61
C THR A 24 -18.00 -31.17 -5.83
N THR A 25 -18.76 -30.45 -5.01
CA THR A 25 -20.23 -30.45 -5.07
C THR A 25 -20.79 -29.04 -5.11
N HIS A 26 -20.32 -28.22 -6.06
CA HIS A 26 -20.79 -26.84 -6.10
C HIS A 26 -22.16 -26.70 -6.75
N HIS A 27 -22.64 -27.72 -7.46
CA HIS A 27 -24.00 -27.67 -7.99
C HIS A 27 -25.06 -27.66 -6.89
N LEU A 28 -24.70 -28.07 -5.67
CA LEU A 28 -25.68 -28.23 -4.59
C LEU A 28 -26.05 -26.93 -3.91
N ALA A 29 -25.35 -25.83 -4.19
CA ALA A 29 -25.56 -24.58 -3.46
C ALA A 29 -25.56 -23.43 -4.45
N ILE A 30 -26.64 -22.67 -4.49
CA ILE A 30 -26.70 -21.49 -5.36
C ILE A 30 -25.59 -20.53 -4.93
N PRO A 31 -24.58 -20.31 -5.76
CA PRO A 31 -23.52 -19.36 -5.37
C PRO A 31 -24.07 -17.94 -5.28
N SER A 32 -23.44 -17.19 -4.37
CA SER A 32 -23.72 -15.77 -4.19
C SER A 32 -23.78 -15.04 -5.52
N GLY A 33 -24.78 -14.18 -5.67
CA GLY A 33 -24.88 -13.32 -6.85
C GLY A 33 -25.72 -13.84 -7.99
N VAL A 34 -26.43 -14.96 -7.83
CA VAL A 34 -27.27 -15.49 -8.91
C VAL A 34 -28.68 -15.82 -8.40
N THR A 35 -29.67 -15.61 -9.28
CA THR A 35 -31.06 -15.91 -8.99
C THR A 35 -31.32 -17.42 -9.04
N GLN A 36 -32.35 -17.85 -8.33
CA GLN A 36 -32.79 -19.25 -8.46
C GLN A 36 -33.09 -19.61 -9.91
N ASP A 37 -33.78 -18.73 -10.64
CA ASP A 37 -34.16 -19.01 -12.02
C ASP A 37 -32.93 -19.07 -12.94
N GLU A 38 -31.88 -18.29 -12.65
CA GLU A 38 -30.63 -18.37 -13.41
C GLU A 38 -29.85 -19.64 -13.09
N PHE A 39 -29.88 -20.07 -11.82
CA PHE A 39 -29.18 -21.27 -11.38
C PHE A 39 -29.77 -22.52 -12.00
N ASP A 40 -31.09 -22.52 -12.26
CA ASP A 40 -31.71 -23.64 -12.97
C ASP A 40 -30.95 -23.97 -14.25
N GLU A 41 -30.59 -22.93 -15.01
CA GLU A 41 -29.76 -23.10 -16.20
C GLU A 41 -28.28 -23.25 -15.84
N LEU A 42 -27.78 -22.43 -14.89
CA LEU A 42 -26.36 -22.51 -14.55
C LEU A 42 -26.01 -23.82 -13.85
N LYS A 43 -26.94 -24.39 -13.07
CA LYS A 43 -26.66 -25.65 -12.38
C LYS A 43 -26.16 -26.74 -13.33
N GLN A 44 -26.37 -26.57 -14.63
CA GLN A 44 -25.96 -27.60 -15.59
C GLN A 44 -24.49 -27.45 -15.95
N SER A 45 -24.04 -26.23 -16.19
CA SER A 45 -22.64 -25.99 -16.52
C SER A 45 -21.74 -26.22 -15.30
N VAL A 46 -22.26 -26.02 -14.10
CA VAL A 46 -21.46 -26.26 -12.89
C VAL A 46 -20.98 -27.70 -12.84
N VAL A 47 -21.89 -28.64 -13.02
CA VAL A 47 -21.48 -30.03 -13.02
C VAL A 47 -20.68 -30.35 -14.28
N GLU A 48 -20.91 -29.62 -15.37
CA GLU A 48 -20.19 -29.93 -16.60
C GLU A 48 -18.73 -29.48 -16.57
N PHE A 49 -18.48 -28.26 -16.06
CA PHE A 49 -17.17 -27.62 -16.11
C PHE A 49 -16.53 -27.46 -14.73
N HIS A 50 -17.25 -26.89 -13.77
CA HIS A 50 -16.72 -26.50 -12.47
C HIS A 50 -16.78 -27.60 -11.41
N THR A 51 -16.38 -28.82 -11.77
CA THR A 51 -16.41 -29.96 -10.87
C THR A 51 -15.07 -30.67 -10.96
N TYR A 52 -14.40 -30.83 -9.82
CA TYR A 52 -13.05 -31.34 -9.77
C TYR A 52 -12.99 -32.64 -8.99
N GLN A 53 -11.98 -33.44 -9.31
CA GLN A 53 -11.60 -34.56 -8.47
C GLN A 53 -10.74 -34.04 -7.31
N LEU A 54 -11.09 -34.44 -6.08
CA LEU A 54 -10.50 -33.86 -4.88
C LEU A 54 -9.47 -34.80 -4.29
N SER A 55 -8.21 -34.37 -4.29
CA SER A 55 -7.12 -35.06 -3.61
C SER A 55 -7.05 -34.59 -2.16
N GLN A 56 -6.43 -35.43 -1.32
CA GLN A 56 -6.31 -35.12 0.10
C GLN A 56 -5.76 -33.71 0.30
N ASN A 57 -6.14 -33.10 1.41
CA ASN A 57 -5.64 -31.79 1.81
C ASN A 57 -5.62 -30.84 0.62
N GLN A 58 -6.77 -30.75 -0.04
CA GLN A 58 -7.06 -29.77 -1.07
C GLN A 58 -8.33 -29.02 -0.72
N CYS A 59 -8.68 -28.07 -1.57
CA CYS A 59 -9.92 -27.33 -1.36
C CYS A 59 -10.33 -26.66 -2.67
N SER A 60 -11.55 -26.16 -2.69
CA SER A 60 -12.13 -25.64 -3.91
C SER A 60 -13.25 -24.66 -3.55
N SER A 61 -13.69 -23.92 -4.56
CA SER A 61 -14.73 -22.93 -4.38
C SER A 61 -15.26 -22.54 -5.76
N LEU A 62 -16.47 -21.97 -5.78
CA LEU A 62 -17.13 -21.55 -7.01
C LEU A 62 -17.69 -20.17 -6.78
N LEU A 63 -17.40 -19.25 -7.71
CA LEU A 63 -17.77 -17.84 -7.64
C LEU A 63 -18.46 -17.45 -8.95
N ALA A 64 -19.27 -16.39 -8.87
CA ALA A 64 -20.13 -16.00 -9.97
C ALA A 64 -20.32 -14.49 -9.94
N GLN A 65 -20.45 -13.89 -11.13
CA GLN A 65 -20.54 -12.44 -11.25
C GLN A 65 -21.44 -12.09 -12.44
N ARG A 66 -22.59 -11.47 -12.14
CA ARG A 66 -23.46 -10.87 -13.14
C ARG A 66 -22.79 -9.66 -13.79
N ILE A 67 -22.70 -9.67 -15.12
CA ILE A 67 -22.15 -8.57 -15.91
C ILE A 67 -23.24 -8.04 -16.84
N ARG A 68 -23.37 -6.72 -16.88
CA ARG A 68 -24.33 -6.04 -17.76
C ARG A 68 -23.66 -5.76 -19.11
N ALA A 69 -23.40 -6.85 -19.83
CA ALA A 69 -22.82 -6.77 -21.17
C ALA A 69 -23.09 -8.10 -21.87
N PRO A 70 -23.03 -8.12 -23.21
CA PRO A 70 -23.32 -9.36 -23.94
C PRO A 70 -22.24 -10.41 -23.71
N ASN A 71 -22.66 -11.67 -23.65
CA ASN A 71 -21.74 -12.76 -23.33
C ASN A 71 -20.71 -12.99 -24.43
N ASP A 72 -20.81 -12.28 -25.55
CA ASP A 72 -19.77 -12.39 -26.58
C ASP A 72 -18.61 -11.43 -26.30
N VAL A 73 -18.91 -10.18 -25.92
CA VAL A 73 -17.80 -9.29 -25.59
C VAL A 73 -17.16 -9.68 -24.26
N VAL A 74 -17.95 -10.18 -23.31
CA VAL A 74 -17.33 -10.71 -22.09
C VAL A 74 -16.32 -11.77 -22.45
N TRP A 75 -16.77 -12.81 -23.16
CA TRP A 75 -15.85 -13.84 -23.61
C TRP A 75 -14.71 -13.25 -24.44
N SER A 76 -15.01 -12.22 -25.23
CA SER A 76 -13.97 -11.62 -26.07
C SER A 76 -12.81 -11.11 -25.23
N ILE A 77 -13.10 -10.56 -24.05
CA ILE A 77 -12.03 -10.19 -23.12
C ILE A 77 -11.41 -11.44 -22.51
N VAL A 78 -12.23 -12.24 -21.82
CA VAL A 78 -11.75 -13.37 -21.03
C VAL A 78 -10.81 -14.30 -21.77
N ARG A 79 -10.94 -14.40 -23.08
CA ARG A 79 -10.17 -15.42 -23.77
C ARG A 79 -8.73 -15.00 -24.07
N ARG A 80 -8.39 -13.73 -23.82
CA ARG A 80 -7.08 -13.20 -24.20
C ARG A 80 -6.04 -13.71 -23.18
N PHE A 81 -5.60 -14.95 -23.40
CA PHE A 81 -4.70 -15.61 -22.47
C PHE A 81 -3.36 -14.86 -22.37
N ASP A 82 -3.08 -13.98 -23.34
CA ASP A 82 -1.85 -13.22 -23.37
C ASP A 82 -2.03 -11.79 -22.88
N GLN A 83 -3.22 -11.40 -22.48
CA GLN A 83 -3.40 -10.09 -21.89
C GLN A 83 -4.20 -10.19 -20.62
N PRO A 84 -3.82 -11.09 -19.69
CA PRO A 84 -4.60 -11.21 -18.44
C PRO A 84 -4.70 -9.89 -17.69
N GLN A 85 -3.71 -9.01 -17.82
CA GLN A 85 -3.75 -7.74 -17.10
C GLN A 85 -5.01 -6.95 -17.42
N THR A 86 -5.53 -7.13 -18.63
CA THR A 86 -6.68 -6.34 -19.05
C THR A 86 -7.89 -6.52 -18.16
N TYR A 87 -8.11 -7.75 -17.67
CA TYR A 87 -9.29 -8.03 -16.85
C TYR A 87 -8.94 -8.72 -15.53
N LYS A 88 -7.74 -8.47 -15.00
CA LYS A 88 -7.28 -9.07 -13.76
C LYS A 88 -6.41 -8.08 -13.00
N HIS A 89 -6.33 -8.28 -11.71
CA HIS A 89 -5.56 -7.42 -10.85
C HIS A 89 -4.20 -8.07 -10.60
N PHE A 90 -3.28 -7.29 -10.02
CA PHE A 90 -2.04 -7.75 -9.40
C PHE A 90 -0.96 -8.12 -10.41
N ILE A 91 -1.17 -7.85 -11.68
CA ILE A 91 -0.21 -8.17 -12.72
C ILE A 91 0.60 -6.92 -13.03
N LYS A 92 1.92 -7.03 -12.89
CA LYS A 92 2.87 -6.00 -13.28
C LYS A 92 3.23 -6.14 -14.75
N SER A 93 3.49 -7.36 -15.18
CA SER A 93 3.80 -7.68 -16.57
C SER A 93 3.49 -9.15 -16.79
N CYS A 94 3.24 -9.49 -18.06
CA CYS A 94 3.00 -10.88 -18.47
C CYS A 94 3.62 -11.07 -19.84
N SER A 95 4.37 -12.15 -20.02
CA SER A 95 5.04 -12.42 -21.28
C SER A 95 4.79 -13.87 -21.66
N VAL A 96 4.66 -14.13 -22.96
CA VAL A 96 4.37 -15.49 -23.36
C VAL A 96 5.69 -16.17 -23.71
N SER A 97 5.86 -16.54 -24.97
CA SER A 97 7.05 -17.27 -25.40
C SER A 97 7.21 -17.05 -26.91
N ASP A 98 7.37 -15.78 -27.28
CA ASP A 98 7.55 -15.41 -28.67
C ASP A 98 6.49 -16.04 -29.55
N ASN A 99 6.85 -17.12 -30.26
CA ASN A 99 5.91 -17.84 -31.10
C ASN A 99 4.67 -18.25 -30.31
N PHE A 100 3.60 -17.47 -30.40
CA PHE A 100 2.40 -17.69 -29.64
C PHE A 100 1.20 -17.79 -30.57
N THR A 101 0.48 -18.90 -30.50
CA THR A 101 -0.72 -19.09 -31.31
C THR A 101 -1.98 -19.20 -30.45
N MET A 102 -1.85 -18.96 -29.15
CA MET A 102 -2.97 -18.99 -28.21
C MET A 102 -3.69 -20.33 -28.29
N ALA A 103 -2.91 -21.39 -28.31
CA ALA A 103 -3.45 -22.74 -28.41
C ALA A 103 -3.28 -23.44 -27.09
N VAL A 104 -4.21 -24.37 -26.81
CA VAL A 104 -4.08 -25.15 -25.59
C VAL A 104 -2.68 -25.72 -25.53
N GLY A 105 -2.10 -25.68 -24.32
CA GLY A 105 -0.73 -26.06 -24.12
C GLY A 105 0.20 -24.87 -24.03
N SER A 106 -0.28 -23.68 -24.34
CA SER A 106 0.55 -22.50 -24.25
C SER A 106 0.88 -22.20 -22.79
N THR A 107 1.84 -21.31 -22.59
CA THR A 107 2.23 -20.87 -21.26
C THR A 107 2.47 -19.37 -21.27
N ARG A 108 2.47 -18.80 -20.06
CA ARG A 108 2.74 -17.38 -19.89
C ARG A 108 3.44 -17.17 -18.55
N ASP A 109 4.47 -16.32 -18.57
CA ASP A 109 5.22 -15.97 -17.37
C ASP A 109 4.66 -14.65 -16.82
N VAL A 110 4.15 -14.67 -15.59
CA VAL A 110 3.60 -13.47 -14.94
C VAL A 110 4.58 -12.94 -13.89
N ASN A 111 4.67 -11.61 -13.81
CA ASN A 111 5.29 -10.92 -12.68
C ASN A 111 4.20 -10.15 -11.94
N LEU A 112 4.12 -10.35 -10.63
CA LEU A 112 3.07 -9.70 -9.86
C LEU A 112 3.58 -8.36 -9.36
N ILE A 113 2.67 -7.57 -8.81
CA ILE A 113 3.08 -6.28 -8.28
C ILE A 113 3.66 -6.48 -6.88
N SER A 114 4.12 -5.42 -6.25
CA SER A 114 4.78 -5.57 -4.96
C SER A 114 3.76 -5.60 -3.82
N GLY A 115 4.18 -6.14 -2.69
CA GLY A 115 3.35 -6.16 -1.49
C GLY A 115 2.43 -7.35 -1.39
N LEU A 116 2.60 -8.32 -2.21
CA LEU A 116 1.80 -9.51 -2.22
C LEU A 116 2.57 -10.66 -1.61
N PRO A 117 1.89 -11.72 -1.21
CA PRO A 117 2.62 -12.91 -0.76
C PRO A 117 3.00 -13.77 -1.94
N ALA A 118 3.38 -13.08 -3.01
CA ALA A 118 3.66 -13.73 -4.28
C ALA A 118 4.52 -12.80 -5.12
N ALA A 119 5.27 -13.38 -6.05
CA ALA A 119 6.16 -12.55 -6.86
C ALA A 119 6.15 -12.92 -8.33
N THR A 120 6.04 -14.21 -8.66
CA THR A 120 5.88 -14.65 -10.04
C THR A 120 4.88 -15.82 -10.11
N SER A 121 4.60 -16.26 -11.34
CA SER A 121 3.75 -17.41 -11.57
C SER A 121 3.81 -17.80 -13.05
N THR A 122 4.01 -19.08 -13.28
CA THR A 122 3.94 -19.68 -14.61
C THR A 122 2.56 -20.32 -14.77
N GLU A 123 1.86 -19.97 -15.85
CA GLU A 123 0.52 -20.50 -16.07
C GLU A 123 0.43 -21.15 -17.45
N ARG A 124 -0.28 -22.27 -17.52
CA ARG A 124 -0.47 -23.04 -18.74
C ARG A 124 -1.95 -23.07 -19.09
N LEU A 125 -2.29 -22.75 -20.35
CA LEU A 125 -3.67 -22.69 -20.81
C LEU A 125 -4.14 -24.09 -21.16
N ASP A 126 -5.06 -24.65 -20.35
CA ASP A 126 -5.49 -26.03 -20.52
C ASP A 126 -6.78 -26.16 -21.32
N ILE A 127 -7.77 -25.31 -21.08
CA ILE A 127 -9.02 -25.34 -21.82
C ILE A 127 -9.21 -24.01 -22.54
N LEU A 128 -9.57 -24.06 -23.83
CA LEU A 128 -9.87 -22.84 -24.60
C LEU A 128 -10.96 -23.18 -25.60
N ASP A 129 -12.22 -23.09 -25.16
CA ASP A 129 -13.35 -23.54 -25.97
C ASP A 129 -14.18 -22.33 -26.38
N ASP A 130 -13.97 -21.85 -27.61
CA ASP A 130 -14.76 -20.74 -28.13
C ASP A 130 -16.18 -21.11 -28.46
N ASP A 131 -16.47 -22.42 -28.59
CA ASP A 131 -17.81 -22.89 -28.91
C ASP A 131 -18.72 -22.87 -27.69
N ARG A 132 -18.15 -23.04 -26.50
CA ARG A 132 -18.88 -22.98 -25.25
C ARG A 132 -18.41 -21.86 -24.32
N GLN A 133 -17.39 -21.10 -24.72
CA GLN A 133 -16.96 -19.91 -24.00
C GLN A 133 -16.54 -20.27 -22.58
N VAL A 134 -15.54 -21.14 -22.52
CA VAL A 134 -15.03 -21.67 -21.27
C VAL A 134 -13.51 -21.61 -21.34
N LEU A 135 -12.89 -21.05 -20.30
CA LEU A 135 -11.44 -20.82 -20.23
C LEU A 135 -10.86 -21.55 -19.01
N GLY A 136 -9.89 -22.43 -19.26
CA GLY A 136 -9.24 -23.17 -18.18
C GLY A 136 -7.72 -22.98 -18.15
N ILE A 137 -7.17 -22.68 -16.98
CA ILE A 137 -5.72 -22.50 -16.83
C ILE A 137 -5.25 -23.22 -15.58
N SER A 138 -4.08 -23.83 -15.68
CA SER A 138 -3.41 -24.46 -14.55
C SER A 138 -2.09 -23.73 -14.28
N ILE A 139 -1.85 -23.39 -13.04
CA ILE A 139 -0.60 -22.74 -12.64
C ILE A 139 0.43 -23.83 -12.39
N ILE A 140 1.59 -23.72 -13.04
CA ILE A 140 2.56 -24.80 -13.06
C ILE A 140 3.92 -24.41 -12.48
N GLY A 141 4.08 -23.17 -12.03
CA GLY A 141 5.33 -22.78 -11.41
C GLY A 141 5.23 -21.39 -10.82
N GLY A 142 6.40 -20.84 -10.46
CA GLY A 142 6.50 -19.51 -9.88
C GLY A 142 6.61 -19.57 -8.37
N GLU A 143 6.63 -18.38 -7.78
CA GLU A 143 7.00 -18.18 -6.38
C GLU A 143 5.75 -17.70 -5.65
N HIS A 144 5.09 -18.61 -4.94
CA HIS A 144 3.79 -18.34 -4.36
C HIS A 144 3.36 -19.62 -3.67
N ARG A 145 2.30 -19.50 -2.86
CA ARG A 145 1.86 -20.60 -2.01
C ARG A 145 0.56 -21.24 -2.49
N LEU A 146 0.19 -21.09 -3.77
CA LEU A 146 -0.99 -21.77 -4.33
C LEU A 146 -0.54 -22.87 -5.30
N ARG A 147 0.02 -23.94 -4.75
CA ARG A 147 0.47 -25.03 -5.60
C ARG A 147 -0.74 -25.77 -6.18
N ASN A 148 -0.61 -26.21 -7.44
CA ASN A 148 -1.60 -27.06 -8.12
C ASN A 148 -2.96 -26.35 -8.24
N TYR A 149 -2.91 -25.09 -8.64
CA TYR A 149 -4.11 -24.28 -8.82
C TYR A 149 -4.61 -24.50 -10.24
N ARG A 150 -5.88 -24.87 -10.36
CA ARG A 150 -6.54 -25.01 -11.65
C ARG A 150 -7.83 -24.22 -11.57
N SER A 151 -8.13 -23.47 -12.62
CA SER A 151 -9.29 -22.60 -12.60
C SER A 151 -10.03 -22.71 -13.92
N VAL A 152 -11.33 -22.49 -13.85
CA VAL A 152 -12.21 -22.55 -15.00
C VAL A 152 -13.10 -21.32 -14.95
N ILE A 153 -13.21 -20.63 -16.08
CA ILE A 153 -14.11 -19.50 -16.24
C ILE A 153 -15.03 -19.84 -17.40
N SER A 154 -16.34 -19.83 -17.15
CA SER A 154 -17.33 -20.08 -18.20
C SER A 154 -18.31 -18.92 -18.24
N VAL A 155 -18.62 -18.46 -19.45
CA VAL A 155 -19.46 -17.30 -19.66
C VAL A 155 -20.82 -17.77 -20.16
N HIS A 156 -21.88 -17.15 -19.64
CA HIS A 156 -23.24 -17.61 -19.85
C HIS A 156 -24.11 -16.39 -20.08
N GLY A 157 -24.65 -16.27 -21.31
CA GLY A 157 -25.55 -15.18 -21.61
C GLY A 157 -26.95 -15.43 -21.09
N PHE A 158 -27.73 -14.35 -21.04
CA PHE A 158 -29.13 -14.43 -20.68
C PHE A 158 -29.91 -13.34 -21.41
N ASN A 159 -31.23 -13.50 -21.42
CA ASN A 159 -32.14 -12.53 -22.02
C ASN A 159 -33.40 -12.45 -21.19
N ARG A 160 -33.77 -11.25 -20.75
CA ARG A 160 -34.98 -11.02 -19.98
C ARG A 160 -35.69 -9.81 -20.56
N ASP A 161 -36.71 -10.06 -21.38
CA ASP A 161 -37.45 -8.99 -22.04
C ASP A 161 -36.51 -8.05 -22.78
N GLY A 162 -35.69 -8.65 -23.67
CA GLY A 162 -34.77 -7.91 -24.50
C GLY A 162 -33.56 -7.33 -23.79
N ALA A 163 -33.33 -7.67 -22.51
CA ALA A 163 -32.20 -7.15 -21.74
C ALA A 163 -31.10 -8.21 -21.68
N ILE A 164 -30.06 -8.04 -22.47
CA ILE A 164 -28.99 -9.03 -22.61
C ILE A 164 -27.93 -8.77 -21.52
N CYS A 165 -27.88 -9.67 -20.54
CA CYS A 165 -26.85 -9.66 -19.51
C CYS A 165 -26.06 -10.96 -19.57
N THR A 166 -24.93 -10.97 -18.87
CA THR A 166 -24.02 -12.12 -18.79
C THR A 166 -23.78 -12.50 -17.34
N VAL A 167 -23.81 -13.80 -17.04
CA VAL A 167 -23.32 -14.31 -15.77
C VAL A 167 -22.03 -15.07 -16.01
N ALA A 168 -20.95 -14.60 -15.40
CA ALA A 168 -19.68 -15.30 -15.45
C ALA A 168 -19.52 -16.19 -14.22
N LEU A 169 -18.98 -17.39 -14.43
CA LEU A 169 -18.71 -18.33 -13.35
C LEU A 169 -17.24 -18.73 -13.39
N GLU A 170 -16.56 -18.60 -12.26
CA GLU A 170 -15.18 -19.04 -12.10
C GLU A 170 -15.11 -19.97 -10.91
N SER A 171 -14.50 -21.13 -11.10
CA SER A 171 -14.13 -21.97 -9.97
C SER A 171 -12.63 -22.24 -9.99
N TYR A 172 -12.16 -22.91 -8.95
CA TYR A 172 -10.76 -23.26 -8.83
C TYR A 172 -10.63 -24.44 -7.89
N VAL A 173 -9.52 -25.16 -8.01
CA VAL A 173 -9.10 -26.12 -7.02
C VAL A 173 -7.61 -25.89 -6.78
N VAL A 174 -7.19 -26.07 -5.53
CA VAL A 174 -5.81 -25.75 -5.18
C VAL A 174 -5.42 -26.60 -3.98
N ASP A 175 -4.12 -26.91 -3.89
CA ASP A 175 -3.58 -27.57 -2.70
C ASP A 175 -3.52 -26.57 -1.55
N VAL A 176 -3.81 -27.05 -0.34
CA VAL A 176 -3.72 -26.22 0.86
C VAL A 176 -2.28 -26.25 1.35
N PRO A 177 -1.60 -25.11 1.39
CA PRO A 177 -0.19 -25.10 1.79
C PRO A 177 -0.03 -25.44 3.26
N GLU A 178 1.16 -25.93 3.59
CA GLU A 178 1.54 -26.18 4.98
C GLU A 178 1.37 -24.92 5.83
N GLY A 179 0.82 -25.09 7.03
CA GLY A 179 0.63 -24.02 7.97
C GLY A 179 -0.78 -23.45 8.01
N ASN A 180 -1.48 -23.44 6.88
CA ASN A 180 -2.79 -22.82 6.78
C ASN A 180 -3.89 -23.87 6.70
N THR A 181 -5.13 -23.41 6.77
CA THR A 181 -6.32 -24.24 6.77
C THR A 181 -7.11 -24.07 5.48
N GLU A 182 -8.13 -24.90 5.32
CA GLU A 182 -8.97 -24.80 4.13
C GLU A 182 -9.59 -23.42 4.02
N GLU A 183 -10.07 -22.86 5.14
CA GLU A 183 -10.83 -21.62 5.02
C GLU A 183 -9.91 -20.42 4.81
N ASP A 184 -8.67 -20.49 5.31
CA ASP A 184 -7.68 -19.48 4.93
C ASP A 184 -7.47 -19.50 3.42
N THR A 185 -7.32 -20.69 2.84
CA THR A 185 -7.01 -20.79 1.43
C THR A 185 -8.20 -20.33 0.58
N ARG A 186 -9.40 -20.75 0.96
CA ARG A 186 -10.59 -20.25 0.29
C ARG A 186 -10.69 -18.74 0.43
N LEU A 187 -10.45 -18.23 1.64
CA LEU A 187 -10.63 -16.81 1.92
C LEU A 187 -9.64 -15.97 1.12
N PHE A 188 -8.43 -16.48 0.94
CA PHE A 188 -7.44 -15.77 0.13
C PHE A 188 -7.72 -15.97 -1.36
N ALA A 189 -7.93 -17.21 -1.78
CA ALA A 189 -8.18 -17.46 -3.20
C ALA A 189 -9.50 -16.83 -3.65
N ASP A 190 -10.57 -16.99 -2.86
CA ASP A 190 -11.83 -16.32 -3.17
C ASP A 190 -11.64 -14.80 -3.30
N THR A 191 -10.92 -14.18 -2.35
CA THR A 191 -10.81 -12.73 -2.35
C THR A 191 -10.25 -12.20 -3.68
N VAL A 192 -9.26 -12.90 -4.24
CA VAL A 192 -8.63 -12.45 -5.46
C VAL A 192 -9.56 -12.65 -6.64
N VAL A 193 -10.23 -13.81 -6.69
CA VAL A 193 -11.13 -14.11 -7.79
C VAL A 193 -12.31 -13.13 -7.83
N LYS A 194 -12.93 -12.86 -6.68
CA LYS A 194 -13.97 -11.83 -6.66
C LYS A 194 -13.42 -10.52 -7.22
N LEU A 195 -12.29 -10.05 -6.69
CA LEU A 195 -11.70 -8.83 -7.20
C LEU A 195 -11.53 -8.88 -8.71
N ASN A 196 -10.98 -9.99 -9.22
CA ASN A 196 -10.76 -10.07 -10.66
C ASN A 196 -12.09 -10.09 -11.43
N LEU A 197 -13.11 -10.77 -10.90
CA LEU A 197 -14.41 -10.73 -11.57
C LEU A 197 -15.01 -9.33 -11.52
N GLN A 198 -14.78 -8.60 -10.42
CA GLN A 198 -15.31 -7.26 -10.27
C GLN A 198 -14.69 -6.30 -11.27
N LYS A 199 -13.44 -6.54 -11.66
CA LYS A 199 -12.80 -5.69 -12.67
C LYS A 199 -13.31 -6.04 -14.05
N LEU A 200 -13.48 -7.34 -14.32
CA LEU A 200 -14.00 -7.78 -15.60
C LEU A 200 -15.37 -7.16 -15.88
N VAL A 201 -16.20 -7.06 -14.83
CA VAL A 201 -17.43 -6.29 -14.92
C VAL A 201 -17.13 -4.91 -15.50
N SER A 202 -16.36 -4.12 -14.75
CA SER A 202 -16.10 -2.74 -15.14
C SER A 202 -15.59 -2.64 -16.58
N VAL A 203 -14.74 -3.59 -17.00
CA VAL A 203 -14.15 -3.52 -18.34
C VAL A 203 -15.18 -3.85 -19.42
N ALA A 204 -16.02 -4.85 -19.18
CA ALA A 204 -16.99 -5.27 -20.18
C ALA A 204 -18.11 -4.24 -20.33
N GLU A 205 -18.69 -3.81 -19.21
CA GLU A 205 -19.72 -2.79 -19.26
C GLU A 205 -19.22 -1.49 -19.88
N SER A 206 -17.89 -1.28 -19.91
CA SER A 206 -17.31 -0.11 -20.55
C SER A 206 -17.21 -0.24 -22.06
N GLN A 207 -17.42 -1.44 -22.60
CA GLN A 207 -17.38 -1.68 -24.05
C GLN A 207 -18.74 -2.13 -24.59
N CYS B 8 15.95 28.26 14.61
CA CYS B 8 15.88 26.86 14.20
C CYS B 8 16.39 26.67 12.78
N ILE B 9 17.62 26.18 12.67
CA ILE B 9 18.30 26.00 11.39
C ILE B 9 18.25 24.51 11.05
N PRO B 10 17.59 24.11 9.96
CA PRO B 10 17.30 22.69 9.73
C PRO B 10 18.53 21.92 9.24
N LEU B 11 18.86 20.84 9.97
CA LEU B 11 20.02 19.99 9.70
C LEU B 11 19.51 18.58 9.39
N TRP B 12 19.66 18.13 8.13
CA TRP B 12 19.12 16.85 7.68
C TRP B 12 20.01 16.22 6.61
N GLY B 13 19.88 14.90 6.45
CA GLY B 13 20.49 14.18 5.34
C GLY B 13 19.57 13.06 4.89
N VAL B 14 19.76 12.62 3.63
CA VAL B 14 18.83 11.64 3.06
C VAL B 14 19.54 10.68 2.14
N VAL B 15 19.07 9.44 2.15
CA VAL B 15 19.49 8.39 1.23
C VAL B 15 18.26 7.55 0.94
N SER B 16 17.99 7.34 -0.35
CA SER B 16 16.81 6.60 -0.79
C SER B 16 17.24 5.73 -1.95
N ILE B 17 17.31 4.42 -1.71
CA ILE B 17 17.85 3.50 -2.69
C ILE B 17 16.86 2.36 -2.98
N GLN B 18 16.96 1.83 -4.20
CA GLN B 18 16.15 0.74 -4.69
C GLN B 18 16.60 -0.63 -4.18
N GLY B 19 17.91 -0.82 -4.06
CA GLY B 19 18.43 -2.08 -3.56
C GLY B 19 18.10 -3.22 -4.51
N ASN B 20 17.77 -4.38 -3.92
CA ASN B 20 17.57 -5.60 -4.70
C ASN B 20 16.19 -5.68 -5.32
N ARG B 21 15.37 -4.65 -5.16
CA ARG B 21 14.07 -4.63 -5.76
C ARG B 21 14.15 -4.26 -7.24
N SER B 22 13.28 -4.89 -8.04
CA SER B 22 13.19 -4.59 -9.46
C SER B 22 12.53 -3.23 -9.72
N GLU B 23 11.80 -2.69 -8.76
CA GLU B 23 11.10 -1.41 -8.91
C GLU B 23 11.47 -0.51 -7.72
N MET B 24 11.54 0.79 -7.97
CA MET B 24 11.65 1.78 -6.89
C MET B 24 10.26 2.31 -6.57
N GLU B 25 9.83 2.08 -5.32
CA GLU B 25 8.50 2.48 -4.87
C GLU B 25 8.54 3.22 -3.54
N ASP B 26 9.72 3.38 -2.94
CA ASP B 26 9.97 4.35 -1.90
C ASP B 26 10.04 5.75 -2.50
N ALA B 27 9.50 6.74 -1.78
CA ALA B 27 9.78 8.14 -2.10
C ALA B 27 9.81 8.94 -0.81
N PHE B 28 10.42 10.12 -0.89
CA PHE B 28 10.57 10.99 0.28
C PHE B 28 10.45 12.44 -0.16
N ALA B 29 10.27 13.33 0.81
CA ALA B 29 10.23 14.78 0.57
C ALA B 29 10.74 15.52 1.80
N VAL B 30 11.68 16.45 1.57
CA VAL B 30 12.16 17.40 2.57
C VAL B 30 11.80 18.80 2.09
N SER B 31 11.14 19.58 2.95
CA SER B 31 10.81 20.99 2.62
C SER B 31 11.15 21.90 3.78
N PRO B 32 12.34 22.51 3.75
CA PRO B 32 12.75 23.38 4.86
C PRO B 32 12.03 24.73 4.83
N HIS B 33 11.76 25.25 6.01
CA HIS B 33 11.14 26.57 6.16
C HIS B 33 9.78 26.61 5.45
N PHE B 34 9.11 25.46 5.40
CA PHE B 34 7.93 25.37 4.55
C PHE B 34 6.77 26.19 5.10
N LEU B 35 6.46 26.01 6.38
CA LEU B 35 5.25 26.56 6.96
C LEU B 35 5.55 27.60 8.02
N LYS B 36 4.59 28.51 8.20
CA LYS B 36 4.64 29.51 9.24
C LYS B 36 3.53 29.19 10.24
N LEU B 37 3.85 28.23 11.13
CA LEU B 37 2.91 27.80 12.16
C LEU B 37 2.60 28.95 13.12
N PRO B 38 1.34 29.26 13.38
CA PRO B 38 1.03 30.33 14.33
C PRO B 38 1.36 29.90 15.73
N ILE B 39 2.00 30.81 16.49
CA ILE B 39 2.44 30.44 17.84
C ILE B 39 1.27 29.96 18.68
N LYS B 40 0.06 30.46 18.41
CA LYS B 40 -1.18 29.99 19.07
C LYS B 40 -1.49 28.52 18.84
N MET B 41 -0.64 27.84 18.07
CA MET B 41 -0.78 26.42 17.81
C MET B 41 0.32 25.58 18.45
N LEU B 42 1.26 26.19 19.18
CA LEU B 42 2.37 25.47 19.78
C LEU B 42 2.35 25.57 21.30
N MET B 43 2.54 26.76 21.86
CA MET B 43 2.51 26.97 23.31
C MET B 43 1.61 28.16 23.63
N GLY B 44 1.54 28.57 24.89
CA GLY B 44 0.71 29.68 25.31
C GLY B 44 1.55 30.79 25.95
N ASP B 45 1.16 32.03 25.69
CA ASP B 45 1.95 33.18 26.12
C ASP B 45 2.03 33.22 27.65
N HIS B 46 3.15 33.73 28.15
CA HIS B 46 3.45 33.67 29.57
C HIS B 46 3.99 35.04 29.94
N GLU B 47 5.16 35.12 30.55
CA GLU B 47 5.73 36.40 30.95
C GLU B 47 6.87 36.75 30.02
N MET B 49 7.05 35.32 26.40
CA MET B 49 7.99 36.36 26.78
C MET B 49 8.64 37.01 25.55
N SER B 50 7.88 37.21 24.50
CA SER B 50 8.43 37.77 23.26
C SER B 50 7.31 38.32 22.41
N PRO B 51 7.11 39.64 22.38
CA PRO B 51 6.02 40.18 21.56
C PRO B 51 6.24 39.98 20.07
N SER B 52 7.50 39.98 19.62
CA SER B 52 7.78 39.81 18.19
C SER B 52 7.47 38.38 17.73
N LEU B 53 7.60 37.41 18.64
CA LEU B 53 7.29 36.01 18.34
C LEU B 53 5.78 35.85 18.20
N THR B 54 5.32 35.71 16.96
CA THR B 54 3.91 35.51 16.65
C THR B 54 3.65 34.32 15.74
N HIS B 55 4.65 33.87 14.99
CA HIS B 55 4.58 32.67 14.17
C HIS B 55 5.93 31.97 14.32
N LEU B 56 5.98 30.71 13.89
CA LEU B 56 7.19 29.93 14.09
C LEU B 56 7.36 28.99 12.91
N THR B 57 8.57 28.95 12.35
CA THR B 57 8.79 28.24 11.11
C THR B 57 8.87 26.74 11.34
N GLY B 58 8.25 25.98 10.45
CA GLY B 58 8.22 24.54 10.55
C GLY B 58 8.83 23.93 9.31
N HIS B 59 9.63 22.88 9.50
CA HIS B 59 10.23 22.14 8.41
C HIS B 59 9.56 20.79 8.24
N PHE B 60 9.41 20.36 6.99
CA PHE B 60 8.63 19.18 6.66
C PHE B 60 9.55 18.05 6.22
N PHE B 61 9.35 16.88 6.80
CA PHE B 61 9.97 15.65 6.33
C PHE B 61 8.90 14.57 6.21
N GLY B 62 8.92 13.85 5.09
CA GLY B 62 8.05 12.72 4.90
C GLY B 62 8.70 11.60 4.11
N VAL B 63 8.46 10.36 4.53
CA VAL B 63 8.90 9.17 3.81
C VAL B 63 7.66 8.35 3.45
N TYR B 64 7.64 7.81 2.23
CA TYR B 64 6.44 7.14 1.69
C TYR B 64 6.87 5.83 1.04
N ASP B 65 6.48 4.71 1.64
CA ASP B 65 6.84 3.37 1.17
C ASP B 65 5.66 2.80 0.39
N GLY B 66 5.62 3.05 -0.93
CA GLY B 66 4.56 2.53 -1.76
C GLY B 66 4.55 1.00 -1.82
N HIS B 67 3.38 0.44 -2.14
CA HIS B 67 3.26 -0.99 -2.42
C HIS B 67 2.28 -1.20 -3.57
N GLY B 68 2.65 -2.08 -4.49
CA GLY B 68 1.84 -2.37 -5.65
C GLY B 68 2.08 -1.46 -6.83
N GLY B 69 3.03 -0.55 -6.74
CA GLY B 69 3.21 0.48 -7.74
C GLY B 69 3.80 1.71 -7.06
N HIS B 70 4.24 2.72 -7.83
CA HIS B 70 4.98 3.84 -7.26
C HIS B 70 4.18 5.13 -7.23
N LYS B 71 3.05 5.18 -7.93
CA LYS B 71 2.39 6.45 -8.23
C LYS B 71 1.72 7.05 -7.00
N VAL B 72 1.33 6.22 -6.03
CA VAL B 72 0.76 6.72 -4.79
C VAL B 72 1.84 7.36 -3.93
N ALA B 73 3.00 6.71 -3.84
CA ALA B 73 4.10 7.26 -3.06
C ALA B 73 4.60 8.56 -3.69
N ASP B 74 4.87 8.52 -5.00
CA ASP B 74 5.23 9.72 -5.74
C ASP B 74 4.22 10.84 -5.52
N TYR B 75 2.91 10.52 -5.49
CA TYR B 75 1.91 11.54 -5.23
C TYR B 75 2.10 12.14 -3.86
N CYS B 76 2.28 11.29 -2.84
CA CYS B 76 2.49 11.79 -1.49
C CYS B 76 3.69 12.73 -1.44
N ARG B 77 4.79 12.33 -2.06
CA ARG B 77 5.94 13.21 -2.18
C ARG B 77 5.56 14.57 -2.76
N ASP B 78 4.77 14.58 -3.85
CA ASP B 78 4.56 15.81 -4.57
C ASP B 78 3.42 16.65 -3.99
N ARG B 79 2.51 16.04 -3.23
CA ARG B 79 1.27 16.68 -2.81
C ARG B 79 1.04 16.77 -1.30
N LEU B 80 1.53 15.82 -0.49
CA LEU B 80 1.08 15.73 0.89
C LEU B 80 1.34 17.03 1.65
N HIS B 81 2.54 17.62 1.47
CA HIS B 81 2.87 18.79 2.28
C HIS B 81 2.06 20.01 1.90
N PHE B 82 1.68 20.15 0.61
CA PHE B 82 0.75 21.21 0.23
C PHE B 82 -0.65 20.96 0.78
N ALA B 83 -1.12 19.71 0.77
CA ALA B 83 -2.36 19.38 1.48
C ALA B 83 -2.32 19.90 2.91
N LEU B 84 -1.25 19.54 3.65
CA LEU B 84 -1.13 19.96 5.04
C LEU B 84 -1.09 21.46 5.20
N ALA B 85 -0.34 22.14 4.34
CA ALA B 85 -0.29 23.60 4.36
C ALA B 85 -1.67 24.22 4.18
N GLU B 86 -2.51 23.63 3.30
CA GLU B 86 -3.85 24.16 3.08
C GLU B 86 -4.72 23.97 4.31
N GLU B 87 -4.64 22.80 4.94
CA GLU B 87 -5.39 22.55 6.16
C GLU B 87 -4.98 23.51 7.27
N ILE B 88 -3.71 23.92 7.33
CA ILE B 88 -3.29 24.91 8.32
C ILE B 88 -3.71 26.32 7.91
N GLU B 89 -3.92 26.58 6.62
CA GLU B 89 -4.54 27.82 6.18
C GLU B 89 -5.98 27.94 6.66
N ARG B 90 -6.73 26.84 6.69
CA ARG B 90 -8.13 26.88 7.12
C ARG B 90 -8.28 27.16 8.60
N ILE B 91 -7.29 26.76 9.40
CA ILE B 91 -7.34 27.01 10.84
C ILE B 91 -6.78 28.38 11.18
N LYS B 92 -6.05 29.01 10.25
CA LYS B 92 -5.66 30.42 10.41
C LYS B 92 -6.82 31.36 10.19
N ASP B 93 -7.97 30.83 9.80
CA ASP B 93 -9.19 31.63 9.72
C ASP B 93 -10.04 31.51 10.98
N GLU B 94 -9.54 30.82 12.02
CA GLU B 94 -10.16 30.74 13.34
C GLU B 94 -11.64 30.40 13.27
N LEU B 95 -12.47 31.22 13.93
CA LEU B 95 -13.92 31.02 13.91
C LEU B 95 -14.32 29.78 14.70
N ALA B 102 -2.74 19.61 25.33
CA ALA B 102 -4.03 20.20 25.66
C ALA B 102 -4.97 20.08 24.47
N GLY B 103 -5.67 21.18 24.16
CA GLY B 103 -6.39 21.25 22.90
C GLY B 103 -5.48 21.21 21.70
N ARG B 104 -4.24 21.65 21.85
CA ARG B 104 -3.31 21.64 20.73
C ARG B 104 -3.07 20.23 20.24
N GLN B 105 -2.95 19.27 21.16
CA GLN B 105 -2.78 17.88 20.76
C GLN B 105 -3.92 17.43 19.85
N VAL B 106 -5.16 17.66 20.29
CA VAL B 106 -6.33 17.31 19.50
C VAL B 106 -6.40 18.16 18.23
N GLN B 107 -6.01 19.43 18.32
CA GLN B 107 -6.01 20.29 17.16
C GLN B 107 -5.08 19.74 16.09
N TRP B 108 -3.88 19.28 16.48
CA TRP B 108 -2.97 18.69 15.49
C TRP B 108 -3.47 17.34 15.02
N ASP B 109 -4.02 16.55 15.94
CA ASP B 109 -4.71 15.31 15.59
C ASP B 109 -5.67 15.53 14.44
N LYS B 110 -6.54 16.54 14.55
CA LYS B 110 -7.50 16.81 13.48
C LYS B 110 -6.78 17.20 12.20
N VAL B 111 -5.87 18.17 12.29
CA VAL B 111 -5.20 18.69 11.10
C VAL B 111 -4.62 17.55 10.27
N PHE B 112 -3.86 16.68 10.92
CA PHE B 112 -3.22 15.58 10.18
C PHE B 112 -4.22 14.51 9.78
N THR B 113 -5.24 14.27 10.61
CA THR B 113 -6.29 13.36 10.19
C THR B 113 -6.96 13.86 8.90
N SER B 114 -7.32 15.15 8.88
CA SER B 114 -7.94 15.70 7.68
C SER B 114 -6.99 15.64 6.50
N CYS B 115 -5.72 15.99 6.72
CA CYS B 115 -4.76 16.10 5.63
C CYS B 115 -4.54 14.75 4.95
N PHE B 116 -4.37 13.70 5.75
CA PHE B 116 -4.22 12.36 5.19
C PHE B 116 -5.51 11.89 4.52
N LEU B 117 -6.67 12.21 5.11
CA LEU B 117 -7.95 11.83 4.51
C LEU B 117 -8.17 12.56 3.19
N THR B 118 -7.87 13.86 3.16
CA THR B 118 -7.89 14.59 1.90
C THR B 118 -7.03 13.90 0.84
N VAL B 119 -5.79 13.54 1.20
CA VAL B 119 -4.89 12.93 0.21
C VAL B 119 -5.41 11.56 -0.21
N ASP B 120 -5.80 10.73 0.75
CA ASP B 120 -6.32 9.41 0.40
C ASP B 120 -7.44 9.52 -0.62
N GLY B 121 -8.36 10.48 -0.41
CA GLY B 121 -9.49 10.63 -1.32
C GLY B 121 -9.06 11.05 -2.71
N GLU B 122 -8.11 11.99 -2.81
CA GLU B 122 -7.57 12.37 -4.10
C GLU B 122 -6.94 11.19 -4.82
N ILE B 123 -6.17 10.38 -4.09
CA ILE B 123 -5.61 9.17 -4.72
C ILE B 123 -6.75 8.30 -5.27
N GLU B 124 -7.79 8.10 -4.47
CA GLU B 124 -8.83 7.16 -4.86
C GLU B 124 -9.66 7.69 -6.02
N GLY B 125 -9.58 9.00 -6.28
CA GLY B 125 -10.45 9.66 -7.23
C GLY B 125 -11.81 10.07 -6.67
N LYS B 126 -11.96 10.16 -5.35
CA LYS B 126 -13.20 10.60 -4.72
C LYS B 126 -13.16 12.06 -4.31
N ILE B 127 -11.99 12.68 -4.38
CA ILE B 127 -11.80 14.11 -4.12
C ILE B 127 -11.25 14.72 -5.40
N GLY B 128 -11.88 15.81 -5.85
CA GLY B 128 -11.35 16.54 -6.98
C GLY B 128 -9.99 17.12 -6.68
N ARG B 129 -9.08 17.00 -7.64
CA ARG B 129 -7.77 17.60 -7.54
C ARG B 129 -7.75 18.92 -8.29
N ALA B 130 -7.11 19.90 -7.70
CA ALA B 130 -7.18 21.26 -8.21
C ALA B 130 -6.59 21.32 -9.61
N VAL B 131 -7.08 22.27 -10.38
CA VAL B 131 -6.59 22.54 -11.71
C VAL B 131 -5.76 23.82 -11.64
N VAL B 132 -4.87 23.98 -12.63
CA VAL B 132 -4.08 25.20 -12.73
C VAL B 132 -4.78 26.29 -13.52
N GLY B 133 -5.82 25.95 -14.28
CA GLY B 133 -6.60 26.95 -14.98
C GLY B 133 -7.78 27.49 -14.21
N SER B 134 -7.85 27.25 -12.90
CA SER B 134 -8.90 27.81 -12.06
C SER B 134 -10.27 27.49 -12.64
N SER B 135 -10.57 26.20 -12.71
CA SER B 135 -11.86 25.76 -13.21
C SER B 135 -12.38 24.60 -12.37
N ASP B 136 -12.86 23.56 -13.04
CA ASP B 136 -13.40 22.40 -12.32
C ASP B 136 -12.24 21.55 -11.82
N LYS B 137 -12.25 21.26 -10.52
CA LYS B 137 -11.22 20.43 -9.93
C LYS B 137 -11.27 19.02 -10.54
N VAL B 138 -10.27 18.66 -11.34
CA VAL B 138 -10.10 17.31 -11.90
C VAL B 138 -10.49 16.22 -10.90
N LEU B 139 -11.37 15.30 -11.32
CA LEU B 139 -11.80 14.16 -10.50
C LEU B 139 -11.44 12.86 -11.22
N GLU B 140 -10.37 12.21 -10.77
CA GLU B 140 -9.89 10.97 -11.37
C GLU B 140 -8.94 10.31 -10.39
N ALA B 141 -8.95 8.97 -10.38
CA ALA B 141 -8.06 8.21 -9.52
C ALA B 141 -6.61 8.41 -9.96
N VAL B 142 -5.70 8.48 -8.99
CA VAL B 142 -4.30 8.77 -9.28
C VAL B 142 -3.57 7.53 -9.78
N ALA B 143 -3.89 6.37 -9.21
CA ALA B 143 -3.32 5.11 -9.63
C ALA B 143 -4.42 4.05 -9.56
N SER B 144 -4.06 2.82 -9.90
CA SER B 144 -5.00 1.70 -9.88
C SER B 144 -5.54 1.42 -8.49
N GLU B 145 -6.40 0.42 -8.43
CA GLU B 145 -7.15 0.08 -7.24
C GLU B 145 -6.27 -0.61 -6.21
N THR B 146 -5.29 -1.34 -6.68
CA THR B 146 -4.44 -2.17 -5.84
C THR B 146 -3.17 -1.46 -5.34
N VAL B 147 -2.99 -0.15 -5.63
CA VAL B 147 -1.78 0.59 -5.32
C VAL B 147 -1.95 1.38 -4.03
N GLY B 148 -0.87 1.48 -3.27
CA GLY B 148 -0.92 2.15 -1.99
C GLY B 148 0.44 2.65 -1.54
N SER B 149 0.48 3.09 -0.29
CA SER B 149 1.73 3.67 0.19
C SER B 149 1.57 4.02 1.66
N THR B 150 2.58 3.66 2.47
CA THR B 150 2.71 4.20 3.81
C THR B 150 2.96 5.71 3.74
N ALA B 151 2.84 6.36 4.89
CA ALA B 151 3.41 7.69 5.03
C ALA B 151 3.77 7.92 6.48
N VAL B 152 5.00 8.38 6.73
CA VAL B 152 5.40 8.92 8.02
C VAL B 152 5.94 10.32 7.78
N VAL B 153 5.49 11.27 8.58
CA VAL B 153 5.64 12.69 8.28
C VAL B 153 6.07 13.38 9.56
N ALA B 154 7.05 14.27 9.46
CA ALA B 154 7.50 15.00 10.64
C ALA B 154 7.46 16.50 10.37
N LEU B 155 6.90 17.24 11.31
CA LEU B 155 7.04 18.69 11.39
C LEU B 155 8.01 18.99 12.52
N VAL B 156 9.06 19.74 12.23
CA VAL B 156 9.99 20.16 13.25
C VAL B 156 10.01 21.67 13.25
N CYS B 157 9.77 22.26 14.42
CA CYS B 157 9.97 23.68 14.65
C CYS B 157 10.77 23.83 15.94
N SER B 158 11.24 25.04 16.24
CA SER B 158 12.09 25.18 17.43
C SER B 158 11.36 24.73 18.69
N SER B 159 10.03 24.86 18.71
CA SER B 159 9.09 24.51 19.78
C SER B 159 8.97 23.00 20.01
N HIS B 160 8.40 22.33 19.00
CA HIS B 160 7.92 20.96 19.12
C HIS B 160 8.31 20.16 17.90
N ILE B 161 8.20 18.84 18.04
CA ILE B 161 8.20 17.90 16.92
C ILE B 161 6.80 17.29 16.85
N VAL B 162 6.23 17.25 15.65
CA VAL B 162 4.90 16.67 15.43
C VAL B 162 5.02 15.56 14.39
N VAL B 163 4.66 14.34 14.78
CA VAL B 163 4.78 13.18 13.90
C VAL B 163 3.39 12.64 13.58
N SER B 164 3.16 12.29 12.32
CA SER B 164 1.88 11.79 11.86
C SER B 164 2.13 10.54 11.03
N ASN B 165 1.58 9.41 11.47
CA ASN B 165 2.04 8.12 10.96
C ASN B 165 0.89 7.28 10.47
N CYS B 166 1.14 6.58 9.38
CA CYS B 166 0.12 5.81 8.69
C CYS B 166 0.84 4.66 7.98
N GLY B 167 0.97 3.51 8.68
CA GLY B 167 1.61 2.32 8.16
C GLY B 167 2.72 1.85 9.06
N ASP B 168 3.67 1.14 8.43
CA ASP B 168 4.81 0.50 9.08
C ASP B 168 6.17 1.16 8.75
N SER B 169 6.15 2.33 8.13
CA SER B 169 7.30 3.22 8.24
C SER B 169 7.30 3.84 9.63
N ARG B 170 8.47 4.24 10.09
CA ARG B 170 8.65 4.57 11.50
C ARG B 170 9.48 5.85 11.63
N ALA B 171 9.20 6.60 12.70
CA ALA B 171 10.04 7.74 13.10
C ALA B 171 10.50 7.50 14.54
N VAL B 172 11.81 7.52 14.75
CA VAL B 172 12.41 7.27 16.06
C VAL B 172 13.15 8.53 16.49
N LEU B 173 12.82 9.02 17.69
CA LEU B 173 13.48 10.16 18.30
C LEU B 173 14.56 9.67 19.26
N PHE B 174 15.79 10.19 19.12
CA PHE B 174 16.88 9.84 20.05
C PHE B 174 17.01 11.01 21.01
N ARG B 175 16.61 10.78 22.26
CA ARG B 175 16.60 11.79 23.31
C ARG B 175 17.47 11.24 24.43
N GLY B 176 18.45 12.02 24.87
CA GLY B 176 19.41 11.52 25.84
C GLY B 176 20.17 10.30 25.36
N LYS B 177 19.91 9.16 26.00
CA LYS B 177 20.41 7.87 25.51
C LYS B 177 19.28 6.90 25.14
N GLU B 178 18.02 7.35 25.17
CA GLU B 178 16.88 6.47 24.93
C GLU B 178 16.30 6.75 23.55
N ALA B 179 16.29 5.72 22.70
CA ALA B 179 15.50 5.77 21.48
C ALA B 179 14.02 5.70 21.85
N MET B 180 13.24 6.63 21.30
CA MET B 180 11.81 6.75 21.57
C MET B 180 11.10 6.75 20.22
N PRO B 181 10.49 5.63 19.82
CA PRO B 181 9.71 5.64 18.58
C PRO B 181 8.57 6.64 18.68
N LEU B 182 8.41 7.48 17.65
CA LEU B 182 7.34 8.47 17.63
C LEU B 182 6.11 7.98 16.85
N SER B 183 5.96 6.66 16.68
CA SER B 183 4.87 6.08 15.91
C SER B 183 4.88 4.59 16.14
N VAL B 184 3.71 3.97 16.06
CA VAL B 184 3.59 2.52 16.15
C VAL B 184 3.19 1.96 14.79
N ASP B 185 3.84 0.87 14.41
CA ASP B 185 3.59 0.26 13.11
C ASP B 185 2.16 -0.21 13.03
N HIS B 186 1.53 0.00 11.87
CA HIS B 186 0.15 -0.37 11.65
C HIS B 186 0.11 -1.76 10.99
N LYS B 187 0.32 -2.73 11.77
CA LYS B 187 0.39 -4.11 11.32
C LYS B 187 -0.94 -4.80 11.57
N PRO B 188 -1.31 -5.76 10.72
CA PRO B 188 -2.62 -6.40 10.87
C PRO B 188 -2.74 -7.30 12.09
N ASP B 189 -1.62 -7.78 12.67
CA ASP B 189 -1.71 -8.64 13.85
C ASP B 189 -1.61 -7.88 15.15
N ARG B 190 -1.37 -6.59 15.10
CA ARG B 190 -1.46 -5.74 16.28
C ARG B 190 -2.84 -5.85 16.91
N GLU B 191 -2.89 -6.15 18.21
CA GLU B 191 -4.15 -6.50 18.86
C GLU B 191 -5.28 -5.52 18.51
N ASP B 192 -5.05 -4.21 18.71
CA ASP B 192 -6.09 -3.22 18.47
C ASP B 192 -6.49 -3.14 17.00
N GLU B 193 -5.55 -3.38 16.08
CA GLU B 193 -5.86 -3.35 14.66
C GLU B 193 -6.57 -4.62 14.21
N TYR B 194 -6.23 -5.75 14.83
CA TYR B 194 -6.94 -6.99 14.53
C TYR B 194 -8.41 -6.86 14.88
N ALA B 195 -8.69 -6.38 16.10
CA ALA B 195 -10.07 -6.14 16.52
C ALA B 195 -10.76 -5.13 15.63
N ARG B 196 -10.06 -4.05 15.26
CA ARG B 196 -10.67 -3.01 14.45
C ARG B 196 -11.01 -3.52 13.05
N ILE B 197 -10.19 -4.41 12.50
CA ILE B 197 -10.45 -4.91 11.16
C ILE B 197 -11.59 -5.93 11.17
N GLU B 198 -11.82 -6.61 12.30
CA GLU B 198 -12.98 -7.49 12.39
C GLU B 198 -14.24 -6.72 12.75
N ASN B 199 -14.15 -5.73 13.64
CA ASN B 199 -15.29 -4.85 13.86
C ASN B 199 -15.71 -4.10 12.60
N ALA B 200 -14.90 -4.13 11.53
CA ALA B 200 -15.29 -3.55 10.24
C ALA B 200 -15.82 -4.59 9.25
N GLY B 201 -15.86 -5.87 9.63
CA GLY B 201 -16.24 -6.93 8.74
C GLY B 201 -15.10 -7.62 8.01
N GLY B 202 -13.85 -7.18 8.20
CA GLY B 202 -12.72 -7.77 7.51
C GLY B 202 -12.14 -8.97 8.25
N LYS B 203 -11.22 -9.65 7.58
CA LYS B 203 -10.51 -10.79 8.15
C LYS B 203 -9.00 -10.63 7.97
N VAL B 204 -8.25 -11.07 8.98
CA VAL B 204 -6.80 -11.13 8.93
C VAL B 204 -6.39 -12.59 8.97
N ILE B 205 -5.48 -12.97 8.09
CA ILE B 205 -4.97 -14.34 8.08
C ILE B 205 -3.46 -14.29 8.02
N GLN B 206 -2.84 -15.43 8.32
CA GLN B 206 -1.38 -15.59 8.36
C GLN B 206 -0.95 -16.27 7.07
N TRP B 207 -0.63 -15.46 6.07
CA TRP B 207 -0.26 -15.96 4.74
C TRP B 207 1.06 -15.27 4.42
N GLN B 208 2.17 -15.91 4.80
CA GLN B 208 3.47 -15.27 4.67
C GLN B 208 3.42 -13.89 5.32
N GLY B 209 3.02 -13.88 6.58
CA GLY B 209 2.83 -12.70 7.40
C GLY B 209 1.34 -12.41 7.60
N ALA B 210 1.01 -11.80 8.74
CA ALA B 210 -0.32 -11.27 8.95
C ALA B 210 -0.72 -10.36 7.79
N ARG B 211 -1.89 -10.63 7.21
CA ARG B 211 -2.37 -9.90 6.02
C ARG B 211 -3.89 -9.78 6.01
N VAL B 212 -4.36 -8.58 5.72
CA VAL B 212 -5.78 -8.37 5.47
C VAL B 212 -6.24 -9.23 4.31
N PHE B 213 -7.17 -10.17 4.59
CA PHE B 213 -7.67 -11.12 3.59
C PHE B 213 -6.54 -11.89 2.90
N GLY B 214 -5.40 -12.00 3.59
CA GLY B 214 -4.23 -12.65 3.02
C GLY B 214 -3.51 -11.84 1.96
N VAL B 215 -3.79 -10.54 1.85
CA VAL B 215 -3.19 -9.74 0.78
C VAL B 215 -2.20 -8.73 1.36
N LEU B 216 -2.71 -7.72 2.03
CA LEU B 216 -1.88 -6.58 2.43
C LEU B 216 -1.36 -6.79 3.84
N ALA B 217 -0.05 -6.64 4.00
CA ALA B 217 0.61 -6.88 5.28
C ALA B 217 0.64 -5.64 6.15
N MET B 218 -0.26 -4.68 5.90
CA MET B 218 -0.38 -3.53 6.77
C MET B 218 -1.84 -3.21 6.95
N SER B 219 -2.16 -2.57 8.07
CA SER B 219 -3.52 -2.29 8.46
C SER B 219 -3.97 -0.87 8.13
N ARG B 220 -3.03 0.01 7.76
CA ARG B 220 -3.31 1.40 7.41
C ARG B 220 -2.39 1.86 6.29
N SER B 221 -2.85 2.82 5.49
CA SER B 221 -2.12 3.20 4.29
C SER B 221 -2.81 4.40 3.66
N ILE B 222 -2.16 4.93 2.63
CA ILE B 222 -2.76 5.89 1.71
C ILE B 222 -3.01 5.14 0.40
N GLY B 223 -4.21 5.28 -0.14
CA GLY B 223 -4.57 4.56 -1.35
C GLY B 223 -5.29 3.26 -1.03
N ASP B 224 -4.86 2.17 -1.66
CA ASP B 224 -5.48 0.87 -1.45
C ASP B 224 -7.02 0.99 -1.42
N ARG B 225 -7.57 1.50 -2.54
CA ARG B 225 -9.03 1.63 -2.66
C ARG B 225 -9.73 0.31 -2.46
N TYR B 226 -9.19 -0.76 -3.02
CA TYR B 226 -9.85 -2.04 -3.05
C TYR B 226 -10.01 -2.66 -1.67
N LEU B 227 -9.37 -2.11 -0.64
CA LEU B 227 -9.46 -2.62 0.74
C LEU B 227 -10.08 -1.60 1.67
N LYS B 228 -10.73 -0.58 1.12
CA LYS B 228 -11.60 0.29 1.90
C LYS B 228 -12.86 -0.48 2.28
N PRO B 229 -13.30 -0.44 3.55
CA PRO B 229 -12.89 0.38 4.69
C PRO B 229 -12.12 -0.39 5.78
N TYR B 230 -11.42 -1.44 5.37
CA TYR B 230 -10.53 -2.21 6.24
C TYR B 230 -9.19 -1.50 6.43
N VAL B 231 -8.46 -1.25 5.35
CA VAL B 231 -7.19 -0.51 5.40
C VAL B 231 -7.53 0.97 5.30
N ILE B 232 -7.33 1.71 6.40
CA ILE B 232 -7.78 3.11 6.48
C ILE B 232 -6.60 4.08 6.48
N PRO B 233 -6.81 5.35 6.13
CA PRO B 233 -5.70 6.30 6.13
C PRO B 233 -5.66 7.19 7.36
N GLU B 234 -6.33 6.77 8.41
CA GLU B 234 -6.31 7.52 9.66
C GLU B 234 -4.95 7.31 10.35
N PRO B 235 -4.24 8.37 10.68
CA PRO B 235 -2.90 8.22 11.22
C PRO B 235 -2.82 8.40 12.73
N GLU B 236 -1.79 7.82 13.34
CA GLU B 236 -1.44 8.12 14.71
C GLU B 236 -0.57 9.37 14.69
N VAL B 237 -0.92 10.35 15.52
CA VAL B 237 -0.25 11.64 15.58
C VAL B 237 0.31 11.85 16.98
N THR B 238 1.58 12.28 17.04
CA THR B 238 2.30 12.54 18.28
C THR B 238 2.78 13.99 18.28
N PHE B 239 2.40 14.73 19.31
CA PHE B 239 2.79 16.12 19.49
C PHE B 239 3.79 16.16 20.64
N MET B 240 5.09 16.28 20.31
CA MET B 240 6.16 16.07 21.28
C MET B 240 6.94 17.35 21.52
N PRO B 241 6.97 17.88 22.75
CA PRO B 241 7.82 19.05 23.01
C PRO B 241 9.28 18.67 22.88
N ARG B 242 10.08 19.62 22.38
CA ARG B 242 11.52 19.39 22.23
C ARG B 242 12.22 19.53 23.58
N SER B 243 13.37 18.91 23.68
CA SER B 243 14.15 18.91 24.90
C SER B 243 15.61 19.15 24.57
N ARG B 244 16.29 19.89 25.45
CA ARG B 244 17.71 20.14 25.18
C ARG B 244 18.49 18.85 25.00
N GLU B 245 17.96 17.71 25.47
CA GLU B 245 18.73 16.48 25.34
C GLU B 245 18.38 15.68 24.10
N ASP B 246 17.49 16.20 23.25
CA ASP B 246 17.23 15.60 21.94
C ASP B 246 18.51 15.57 21.10
N GLU B 247 18.85 14.41 20.58
CA GLU B 247 20.01 14.27 19.71
C GLU B 247 19.60 14.33 18.24
N CYS B 248 18.77 13.37 17.80
CA CYS B 248 18.39 13.32 16.40
C CYS B 248 17.02 12.66 16.25
N LEU B 249 16.43 12.86 15.06
CA LEU B 249 15.15 12.31 14.67
C LEU B 249 15.37 11.60 13.35
N ILE B 250 14.93 10.36 13.25
CA ILE B 250 15.14 9.54 12.06
C ILE B 250 13.77 9.15 11.50
N LEU B 251 13.56 9.39 10.21
CA LEU B 251 12.42 8.81 9.47
C LEU B 251 12.94 7.78 8.49
N ALA B 252 12.27 6.63 8.43
CA ALA B 252 12.71 5.56 7.53
C ALA B 252 11.55 4.67 7.14
N SER B 253 11.71 4.02 5.99
CA SER B 253 10.90 2.88 5.62
C SER B 253 11.43 1.62 6.28
N ASP B 254 10.62 0.56 6.25
CA ASP B 254 10.98 -0.67 6.94
C ASP B 254 12.12 -1.40 6.25
N GLY B 255 12.57 -0.95 5.08
CA GLY B 255 13.78 -1.57 4.51
C GLY B 255 15.00 -1.42 5.41
N LEU B 256 14.97 -0.44 6.32
CA LEU B 256 15.97 -0.30 7.37
C LEU B 256 15.51 -1.08 8.59
N TRP B 257 14.32 -0.75 9.13
CA TRP B 257 13.94 -1.28 10.44
C TRP B 257 13.83 -2.80 10.43
N ASP B 258 13.60 -3.42 9.27
CA ASP B 258 13.47 -4.89 9.27
C ASP B 258 14.78 -5.57 9.62
N VAL B 259 15.90 -4.87 9.48
CA VAL B 259 17.21 -5.48 9.70
C VAL B 259 18.00 -4.78 10.80
N MET B 260 17.44 -3.73 11.41
CA MET B 260 18.18 -2.93 12.37
C MET B 260 17.27 -2.44 13.47
N ASN B 261 17.72 -2.65 14.69
CA ASN B 261 17.09 -2.20 15.93
C ASN B 261 17.00 -0.68 16.04
N ASN B 262 15.85 -0.19 16.53
CA ASN B 262 15.67 1.25 16.79
C ASN B 262 16.84 1.83 17.58
N GLN B 263 17.20 1.20 18.69
CA GLN B 263 18.24 1.77 19.52
C GLN B 263 19.52 1.92 18.71
N GLU B 264 19.94 0.83 18.06
CA GLU B 264 21.20 0.81 17.32
C GLU B 264 21.20 1.86 16.20
N VAL B 265 20.15 1.87 15.37
CA VAL B 265 20.06 2.88 14.32
C VAL B 265 20.35 4.25 14.89
N CYS B 266 19.66 4.62 15.97
CA CYS B 266 19.78 5.97 16.50
C CYS B 266 21.19 6.26 16.98
N GLU B 267 21.86 5.27 17.59
CA GLU B 267 23.20 5.55 18.10
C GLU B 267 24.20 5.66 16.97
N ILE B 268 24.12 4.75 15.99
CA ILE B 268 24.99 4.83 14.82
C ILE B 268 24.85 6.19 14.16
N ALA B 269 23.62 6.68 14.01
CA ALA B 269 23.43 8.01 13.45
C ALA B 269 24.23 9.03 14.26
N ARG B 270 24.02 9.08 15.58
CA ARG B 270 24.77 10.02 16.40
C ARG B 270 26.27 9.84 16.24
N ARG B 271 26.75 8.60 16.39
CA ARG B 271 28.20 8.43 16.34
C ARG B 271 28.76 8.84 15.00
N ARG B 272 27.96 8.75 13.94
CA ARG B 272 28.46 9.12 12.62
C ARG B 272 28.52 10.63 12.46
N ILE B 273 27.50 11.31 12.99
CA ILE B 273 27.52 12.77 13.03
C ILE B 273 28.70 13.27 13.85
N LEU B 274 28.87 12.74 15.07
CA LEU B 274 30.01 13.13 15.89
C LEU B 274 31.31 12.88 15.16
N MET B 275 31.47 11.67 14.61
CA MET B 275 32.70 11.36 13.91
C MET B 275 32.98 12.37 12.81
N TRP B 276 31.94 12.79 12.08
CA TRP B 276 32.17 13.74 10.98
C TRP B 276 32.67 15.06 11.53
N HIS B 277 32.05 15.57 12.60
CA HIS B 277 32.45 16.87 13.13
C HIS B 277 33.86 16.82 13.71
N LYS B 278 34.26 15.67 14.25
CA LYS B 278 35.62 15.55 14.77
C LYS B 278 36.65 15.70 13.67
N LYS B 279 36.41 15.09 12.50
CA LYS B 279 37.39 15.12 11.43
C LYS B 279 37.41 16.46 10.69
N ASN B 280 36.25 17.08 10.49
CA ASN B 280 36.16 18.28 9.65
C ASN B 280 35.75 19.54 10.39
N GLY B 281 35.25 19.43 11.62
CA GLY B 281 34.82 20.61 12.36
C GLY B 281 33.47 21.09 11.86
N ALA B 282 33.12 22.31 12.23
CA ALA B 282 31.83 22.72 11.70
C ALA B 282 32.02 23.35 10.33
N PRO B 283 30.94 23.53 9.58
CA PRO B 283 31.03 24.25 8.30
C PRO B 283 30.53 25.68 8.43
N PRO B 284 30.71 26.50 7.40
CA PRO B 284 30.49 27.94 7.54
C PRO B 284 29.05 28.20 7.96
N LEU B 285 28.87 28.91 9.08
CA LEU B 285 27.53 29.09 9.60
C LEU B 285 26.64 29.78 8.58
N ALA B 286 27.21 30.61 7.71
CA ALA B 286 26.43 31.25 6.68
C ALA B 286 25.71 30.22 5.82
N GLU B 287 26.43 29.15 5.43
CA GLU B 287 25.91 28.18 4.48
C GLU B 287 25.14 27.03 5.16
N ARG B 288 25.17 26.93 6.48
CA ARG B 288 24.35 25.94 7.17
C ARG B 288 22.88 26.25 6.94
N GLY B 289 22.09 25.20 6.68
CA GLY B 289 20.64 25.32 6.53
C GLY B 289 20.12 25.02 5.14
N LYS B 290 20.71 25.68 4.14
CA LYS B 290 20.34 25.45 2.74
C LYS B 290 21.02 24.17 2.27
N GLY B 291 20.21 23.14 1.99
CA GLY B 291 20.73 21.85 1.55
C GLY B 291 21.06 20.92 2.69
N ILE B 292 21.64 19.75 2.32
CA ILE B 292 21.94 18.72 3.30
C ILE B 292 23.15 19.10 4.14
N ASP B 293 23.06 18.76 5.42
CA ASP B 293 24.17 18.80 6.37
C ASP B 293 25.11 17.63 6.11
N PRO B 294 26.39 17.89 5.86
CA PRO B 294 27.32 16.78 5.60
C PRO B 294 27.33 15.68 6.66
N ALA B 295 27.28 16.05 7.94
CA ALA B 295 27.35 15.04 9.00
C ALA B 295 26.06 14.21 9.05
N CYS B 296 24.90 14.86 8.89
CA CYS B 296 23.68 14.08 8.69
C CYS B 296 23.76 13.22 7.43
N GLN B 297 24.24 13.79 6.33
CA GLN B 297 24.35 12.97 5.12
C GLN B 297 25.21 11.74 5.38
N ALA B 298 26.35 11.92 6.07
CA ALA B 298 27.29 10.83 6.27
C ALA B 298 26.69 9.72 7.12
N ALA B 299 25.81 10.09 8.05
CA ALA B 299 25.15 9.07 8.84
C ALA B 299 24.07 8.34 8.02
N ALA B 300 23.25 9.06 7.26
CA ALA B 300 22.29 8.35 6.40
C ALA B 300 23.04 7.42 5.46
N ASP B 301 24.15 7.91 4.92
CA ASP B 301 24.96 7.10 4.03
C ASP B 301 25.47 5.86 4.74
N TYR B 302 25.88 6.01 5.99
CA TYR B 302 26.37 4.86 6.73
C TYR B 302 25.23 3.90 7.10
N LEU B 303 24.08 4.44 7.51
CA LEU B 303 22.96 3.57 7.86
C LEU B 303 22.49 2.76 6.67
N SER B 304 22.53 3.32 5.47
CA SER B 304 21.98 2.63 4.32
C SER B 304 22.92 1.52 3.86
N MET B 305 24.22 1.77 3.90
CA MET B 305 25.14 0.73 3.49
C MET B 305 25.14 -0.42 4.47
N LEU B 306 24.91 -0.16 5.76
CA LEU B 306 24.75 -1.24 6.74
C LEU B 306 23.53 -2.09 6.44
N ALA B 307 22.40 -1.44 6.11
CA ALA B 307 21.18 -2.19 5.81
C ALA B 307 21.41 -3.15 4.65
N LEU B 308 22.09 -2.69 3.59
CA LEU B 308 22.39 -3.59 2.49
C LEU B 308 23.31 -4.72 2.92
N GLN B 309 24.35 -4.42 3.68
CA GLN B 309 25.28 -5.51 3.89
C GLN B 309 24.78 -6.45 4.98
N LYS B 310 23.91 -5.96 5.87
CA LYS B 310 23.11 -6.88 6.68
C LYS B 310 22.13 -7.71 5.84
N GLY B 311 21.91 -7.36 4.59
CA GLY B 311 21.14 -8.18 3.70
C GLY B 311 19.73 -7.71 3.36
N SER B 312 19.36 -6.47 3.65
CA SER B 312 18.04 -5.99 3.28
C SER B 312 17.85 -6.12 1.78
N LYS B 313 16.79 -6.82 1.36
CA LYS B 313 16.45 -6.95 -0.05
C LYS B 313 15.27 -6.05 -0.45
N ASP B 314 15.06 -4.95 0.26
CA ASP B 314 13.97 -4.01 0.03
C ASP B 314 14.49 -2.63 -0.40
N ASN B 315 13.57 -1.80 -0.87
CA ASN B 315 13.80 -0.36 -0.96
C ASN B 315 14.11 0.18 0.44
N ILE B 316 15.08 1.11 0.55
CA ILE B 316 15.51 1.69 1.83
C ILE B 316 15.64 3.21 1.67
N SER B 317 14.97 3.95 2.55
CA SER B 317 14.90 5.41 2.50
C SER B 317 15.05 5.92 3.92
N ILE B 318 15.97 6.85 4.12
CA ILE B 318 16.34 7.33 5.46
C ILE B 318 16.53 8.83 5.39
N ILE B 319 15.90 9.53 6.32
CA ILE B 319 16.14 10.94 6.57
C ILE B 319 16.69 11.01 7.98
N VAL B 320 17.90 11.54 8.13
CA VAL B 320 18.52 11.76 9.44
C VAL B 320 18.46 13.25 9.72
N ILE B 321 18.02 13.62 10.92
CA ILE B 321 17.84 15.02 11.31
C ILE B 321 18.59 15.27 12.60
N ASP B 322 19.55 16.20 12.58
CA ASP B 322 20.32 16.52 13.78
C ASP B 322 19.58 17.61 14.56
N LEU B 323 19.24 17.32 15.81
CA LEU B 323 18.47 18.24 16.62
C LEU B 323 19.33 19.08 17.58
N LYS B 324 20.65 18.95 17.56
CA LYS B 324 21.50 19.76 18.44
C LYS B 324 21.87 21.06 17.76
N ALA B 325 21.58 22.19 18.43
CA ALA B 325 22.04 23.50 17.96
C ALA B 325 23.52 23.48 17.58
N GLN B 326 24.34 22.73 18.33
CA GLN B 326 25.78 22.86 18.24
C GLN B 326 26.46 21.54 18.61
N ARG B 327 27.65 21.31 18.06
CA ARG B 327 28.43 20.12 18.42
C ARG B 327 29.93 20.34 18.29
C1 A8S C . -6.40 -16.36 -11.26
C2 A8S C . -6.47 -16.53 -9.74
C3 A8S C . -5.60 -16.32 -8.71
C4 A8S C . -4.23 -15.84 -8.93
C5 A8S C . -3.40 -15.67 -7.90
C6 A8S C . -6.03 -16.61 -7.30
C7 A8S C . -1.97 -15.17 -8.02
O7 A8S C . -1.68 -14.63 -9.30
C8 A8S C . -1.86 -14.04 -7.01
C9 A8S C . -1.37 -14.22 -5.79
C10 A8S C . -0.92 -15.50 -5.28
O10 A8S C . -0.40 -15.61 -4.18
C11 A8S C . -1.08 -16.68 -6.21
O11 A8S C . -7.38 -16.81 -11.93
C12 A8S C . -0.91 -16.30 -7.69
O12 A8S C . -5.38 -15.84 -11.78
C13 A8S C . -2.36 -12.69 -7.45
C14 A8S C . 0.51 -15.76 -7.90
C15 A8S C . -1.05 -17.55 -8.55
H2 A8S C . -7.45 -16.92 -9.46
H4 A8S C . -3.98 -15.65 -9.97
H5 A8S C . -3.67 -15.86 -6.87
H6 A8S C . -5.37 -17.33 -6.82
H6A A8S C . -7.05 -17.00 -7.25
H6B A8S C . -6.02 -15.70 -6.69
HO7 A8S C . -0.98 -13.94 -9.19
H9 A8S C . -1.29 -13.39 -5.08
H11 A8S C . -0.37 -17.45 -5.91
H11A A8S C . -2.05 -17.14 -6.02
H13 A8S C . -3.34 -12.78 -7.92
H13A A8S C . -1.67 -12.24 -8.17
H14 A8S C . 0.55 -14.68 -7.92
H14A A8S C . 0.95 -16.13 -8.82
H14B A8S C . 1.18 -16.07 -7.09
H15 A8S C . -1.26 -17.31 -9.59
H15A A8S C . -1.87 -18.19 -8.21
H15B A8S C . -0.16 -18.16 -8.54
H13B A8S C . -2.45 -12.02 -6.61
MN MN D . 8.41 -5.42 6.39
MN MN E . -7.75 4.24 1.16
MN MN F . 7.28 -0.93 -0.67
MN MN G . 9.07 -1.72 2.22
CL CL H . 28.86 3.50 14.45
CL CL I . 11.49 -7.23 -6.76
CL CL J . 33.72 10.92 8.96
CL CL K . 1.95 2.58 -9.93
CL CL L . -3.23 -13.44 12.68
CL CL M . -8.84 21.02 13.24
C1 GOL N . 30.44 9.41 1.65
O1 GOL N . 31.26 10.26 0.86
C2 GOL N . 29.22 10.21 2.20
O2 GOL N . 29.48 10.87 3.40
C3 GOL N . 28.88 11.22 1.08
O3 GOL N . 27.51 11.05 0.75
H11 GOL N . 30.92 9.04 2.42
H12 GOL N . 30.11 8.65 1.15
HO1 GOL N . 31.86 10.57 1.38
H2 GOL N . 28.49 9.60 2.39
HO2 GOL N . 30.22 10.59 3.69
H31 GOL N . 29.46 11.06 0.32
H32 GOL N . 29.09 12.11 1.38
HO3 GOL N . 27.08 11.49 1.32
#